data_6M8N
#
_entry.id   6M8N
#
_cell.length_a   97.455
_cell.length_b   97.455
_cell.length_c   96.684
_cell.angle_alpha   90.000
_cell.angle_beta   90.000
_cell.angle_gamma   120.000
#
_symmetry.space_group_name_H-M   'P 31 2 1'
#
loop_
_entity.id
_entity.type
_entity.pdbx_description
1 polymer P5AFcnA
2 non-polymer 'MALONATE ION'
3 non-polymer 'CALCIUM ION'
4 water water
#
_entity_poly.entity_id   1
_entity_poly.type   'polypeptide(L)'
_entity_poly.pdbx_seq_one_letter_code
;MGSSHHHHHHSSGLVPRGSHMGSSSDEVESTNTTDSYNINNTEATGIEYNASWMAGTWGITQRVDGGYKLDNSADSSNWQ
AGAEEIVTNIPAAEYVITSFTHPAHGHLFTLRTNNNVDVSAIHPDMVPTLENEKIILDVINIYRAAGKKVILYLNSAGPS
MAEERGDTDIQAAWDEYYINEWDGDEAAAWRNLARGYVERFDGLVDGYWLDNSRNLPGEVSDFVAMLRSVDPELTIAVNY
DQHYFTDDNGEYLYVDSDGLDDEDESDYKIVKHVVTNEYMDFTNGHVTPLGRGAPPNSWAYEEYTIPDMIEVPWETYDGS
KYALKHGWFPIRNSWSGSKAELMFDVEQAYRFVRTVTDGGAAMTWSTTQDNGYMTADEMSIMIEISNRMTQTPKPDYSVY
ERPKGAYLVSEIE
;
_entity_poly.pdbx_strand_id   A
#
loop_
_chem_comp.id
_chem_comp.type
_chem_comp.name
_chem_comp.formula
CA non-polymer 'CALCIUM ION' 'Ca 2'
MLI non-polymer 'MALONATE ION' 'C3 H2 O4 -2'
#
# COMPACT_ATOMS: atom_id res chain seq x y z
N GLY A 46 -9.23 -23.93 -9.31
CA GLY A 46 -9.63 -24.59 -7.98
C GLY A 46 -9.56 -23.59 -6.83
N ILE A 47 -9.37 -24.10 -5.59
CA ILE A 47 -9.31 -23.26 -4.38
C ILE A 47 -7.93 -22.61 -4.34
N GLU A 48 -7.86 -21.30 -4.05
CA GLU A 48 -6.61 -20.60 -3.99
C GLU A 48 -6.48 -19.76 -2.70
N TYR A 49 -5.33 -19.94 -2.06
CA TYR A 49 -4.89 -19.08 -0.93
C TYR A 49 -3.54 -18.48 -1.34
N ASN A 50 -3.50 -17.59 -2.35
CA ASN A 50 -2.25 -17.13 -2.86
C ASN A 50 -1.41 -16.38 -1.80
N ALA A 51 -2.07 -15.72 -0.87
CA ALA A 51 -1.39 -14.94 0.19
C ALA A 51 -1.04 -15.78 1.39
N SER A 52 -1.04 -17.12 1.28
CA SER A 52 -0.81 -17.97 2.48
C SER A 52 0.52 -17.66 3.14
N TRP A 53 1.53 -17.26 2.36
CA TRP A 53 2.83 -16.91 2.88
C TRP A 53 2.78 -15.70 3.79
N MET A 54 1.73 -14.85 3.69
CA MET A 54 1.63 -13.55 4.37
C MET A 54 0.92 -13.70 5.70
N ALA A 55 0.20 -14.79 5.90
CA ALA A 55 -0.56 -14.96 7.13
C ALA A 55 0.41 -14.94 8.31
N GLY A 56 0.12 -14.12 9.32
CA GLY A 56 0.94 -14.09 10.53
C GLY A 56 2.19 -13.21 10.38
N THR A 57 2.27 -12.46 9.30
CA THR A 57 3.46 -11.61 8.99
C THR A 57 3.08 -10.14 8.96
N TRP A 58 4.13 -9.30 9.05
CA TRP A 58 3.98 -7.87 8.90
C TRP A 58 5.09 -7.32 8.02
N GLY A 59 4.79 -6.16 7.44
CA GLY A 59 5.71 -5.53 6.45
C GLY A 59 5.89 -4.07 6.70
N ILE A 60 6.79 -3.47 5.92
CA ILE A 60 7.02 -2.05 5.91
C ILE A 60 6.93 -1.54 4.48
N THR A 61 7.01 -0.21 4.28
CA THR A 61 6.89 0.42 3.00
C THR A 61 8.15 1.24 2.73
N GLN A 62 8.69 1.13 1.52
CA GLN A 62 9.79 2.00 1.07
C GLN A 62 9.49 2.40 -0.36
N ARG A 63 8.72 3.46 -0.52
CA ARG A 63 8.36 3.95 -1.82
C ARG A 63 9.58 4.52 -2.54
N VAL A 64 9.54 4.40 -3.85
CA VAL A 64 10.52 5.05 -4.77
C VAL A 64 9.74 6.01 -5.65
N ASP A 65 10.33 7.18 -5.98
CA ASP A 65 9.66 8.13 -6.79
C ASP A 65 9.64 7.66 -8.26
N GLY A 66 8.75 8.24 -9.07
CA GLY A 66 8.62 7.88 -10.46
C GLY A 66 8.83 9.05 -11.40
N GLY A 67 9.13 8.69 -12.66
CA GLY A 67 9.17 9.69 -13.76
C GLY A 67 10.06 10.88 -13.41
N TYR A 68 9.61 12.06 -13.83
CA TYR A 68 10.40 13.26 -13.65
C TYR A 68 10.64 13.53 -12.16
N LYS A 69 9.77 13.06 -11.24
CA LYS A 69 9.96 13.31 -9.85
C LYS A 69 11.19 12.57 -9.36
N LEU A 70 11.36 11.34 -9.86
CA LEU A 70 12.54 10.59 -9.49
C LEU A 70 13.82 11.27 -10.02
N ASP A 71 13.77 11.77 -11.26
CA ASP A 71 14.95 12.46 -11.80
C ASP A 71 15.29 13.67 -10.94
N ASN A 72 14.29 14.27 -10.33
CA ASN A 72 14.53 15.46 -9.46
C ASN A 72 15.04 15.06 -8.08
N SER A 73 14.65 13.92 -7.51
CA SER A 73 15.06 13.54 -6.16
C SER A 73 16.28 12.64 -6.11
N ALA A 74 16.61 11.95 -7.19
CA ALA A 74 17.62 10.95 -7.13
C ALA A 74 18.98 11.50 -6.68
N ASP A 75 19.32 12.74 -7.09
CA ASP A 75 20.66 13.29 -6.80
C ASP A 75 20.88 13.52 -5.31
N SER A 76 19.82 13.55 -4.50
CA SER A 76 19.98 13.74 -3.07
C SER A 76 19.52 12.52 -2.26
N SER A 77 19.29 11.37 -2.95
CA SER A 77 18.74 10.20 -2.32
C SER A 77 19.69 9.01 -2.41
N ASN A 78 19.53 8.01 -1.52
CA ASN A 78 20.21 6.75 -1.60
C ASN A 78 19.26 5.64 -1.14
N TRP A 79 18.35 5.34 -2.05
CA TRP A 79 17.36 4.28 -1.78
C TRP A 79 18.03 2.94 -1.53
N GLN A 80 19.16 2.66 -2.18
CA GLN A 80 19.83 1.38 -2.02
C GLN A 80 20.34 1.26 -0.57
N ALA A 81 20.99 2.32 -0.07
CA ALA A 81 21.43 2.32 1.32
C ALA A 81 20.24 2.25 2.27
N GLY A 82 19.15 2.91 1.87
CA GLY A 82 17.94 2.87 2.64
C GLY A 82 17.41 1.46 2.77
N ALA A 83 17.42 0.71 1.67
CA ALA A 83 16.94 -0.66 1.69
C ALA A 83 17.88 -1.58 2.47
N GLU A 84 19.22 -1.40 2.33
CA GLU A 84 20.16 -2.15 3.16
C GLU A 84 19.92 -1.89 4.66
N GLU A 85 19.63 -0.66 5.04
CA GLU A 85 19.39 -0.31 6.43
C GLU A 85 18.10 -1.00 6.91
N ILE A 86 17.04 -1.02 6.09
CA ILE A 86 15.82 -1.73 6.46
C ILE A 86 16.08 -3.23 6.64
N VAL A 87 16.88 -3.82 5.74
CA VAL A 87 17.27 -5.24 5.84
C VAL A 87 17.98 -5.50 7.17
N THR A 88 18.97 -4.65 7.47
CA THR A 88 19.82 -4.84 8.64
C THR A 88 18.98 -4.71 9.89
N ASN A 89 18.14 -3.68 9.93
CA ASN A 89 17.54 -3.22 11.18
C ASN A 89 16.15 -3.83 11.42
N ILE A 90 15.46 -4.33 10.40
CA ILE A 90 14.07 -4.75 10.54
C ILE A 90 13.93 -6.18 10.00
N PRO A 91 14.74 -7.12 10.46
CA PRO A 91 14.59 -8.48 10.00
C PRO A 91 13.27 -9.16 10.29
N ALA A 92 12.54 -8.68 11.30
CA ALA A 92 11.25 -9.31 11.67
C ALA A 92 10.15 -9.04 10.64
N ALA A 93 10.29 -7.99 9.82
CA ALA A 93 9.33 -7.69 8.76
C ALA A 93 9.62 -8.62 7.57
N GLU A 94 8.61 -9.28 7.04
CA GLU A 94 8.85 -10.34 6.07
C GLU A 94 8.58 -9.90 4.63
N TYR A 95 8.12 -8.69 4.43
CA TYR A 95 7.89 -8.20 3.07
C TYR A 95 7.93 -6.69 3.09
N VAL A 96 8.01 -6.10 1.89
CA VAL A 96 8.06 -4.66 1.72
C VAL A 96 7.10 -4.27 0.61
N ILE A 97 6.37 -3.17 0.81
CA ILE A 97 5.68 -2.53 -0.31
C ILE A 97 6.60 -1.44 -0.87
N THR A 98 6.87 -1.50 -2.17
CA THR A 98 7.60 -0.44 -2.87
C THR A 98 6.84 -0.11 -4.15
N SER A 99 7.47 0.48 -5.18
CA SER A 99 6.72 1.28 -6.12
C SER A 99 6.85 0.88 -7.61
N PHE A 100 5.71 0.67 -8.27
CA PHE A 100 5.64 0.57 -9.73
C PHE A 100 5.36 1.96 -10.32
N THR A 101 4.39 2.67 -9.74
CA THR A 101 4.12 4.09 -10.00
C THR A 101 4.41 4.90 -8.75
N HIS A 102 4.67 6.17 -8.96
CA HIS A 102 4.85 7.15 -7.96
C HIS A 102 3.58 7.16 -7.09
N PRO A 103 3.68 7.48 -5.79
CA PRO A 103 2.47 7.54 -4.97
C PRO A 103 1.45 8.54 -5.51
N ALA A 104 0.21 8.06 -5.69
CA ALA A 104 -0.93 8.87 -6.09
C ALA A 104 -0.74 9.48 -7.48
N HIS A 105 0.21 8.93 -8.29
CA HIS A 105 0.51 9.47 -9.62
C HIS A 105 0.72 8.30 -10.58
N GLY A 106 -0.37 7.76 -11.15
CA GLY A 106 -0.33 6.60 -12.04
C GLY A 106 0.40 6.82 -13.34
N HIS A 107 0.74 8.07 -13.65
CA HIS A 107 1.34 8.41 -14.89
C HIS A 107 2.87 8.47 -14.80
N LEU A 108 3.44 8.22 -13.63
CA LEU A 108 4.90 8.35 -13.37
C LEU A 108 5.41 7.00 -12.92
N PHE A 109 6.35 6.45 -13.69
CA PHE A 109 6.83 5.07 -13.53
C PHE A 109 8.21 5.02 -12.92
N THR A 110 8.49 3.94 -12.18
CA THR A 110 9.81 3.73 -11.61
C THR A 110 10.77 3.07 -12.61
N LEU A 111 10.26 2.43 -13.65
CA LEU A 111 11.10 1.92 -14.76
C LEU A 111 10.90 2.79 -16.00
N ARG A 112 11.93 2.74 -16.88
CA ARG A 112 11.93 3.49 -18.14
C ARG A 112 11.64 2.55 -19.31
N THR A 113 12.60 1.70 -19.67
CA THR A 113 12.52 0.87 -20.87
C THR A 113 11.28 0.00 -20.80
N ASN A 114 10.59 -0.15 -21.94
CA ASN A 114 9.36 -0.92 -22.04
C ASN A 114 9.33 -1.55 -23.45
N ASN A 115 9.32 -2.87 -23.52
CA ASN A 115 9.40 -3.56 -24.81
C ASN A 115 8.08 -3.45 -25.55
N ASN A 116 7.00 -3.01 -24.88
CA ASN A 116 5.70 -2.96 -25.52
C ASN A 116 5.37 -1.58 -26.10
N VAL A 117 5.98 -0.53 -25.57
CA VAL A 117 5.67 0.85 -25.97
C VAL A 117 6.83 1.73 -25.50
N ASP A 118 7.25 2.64 -26.37
CA ASP A 118 8.24 3.62 -25.95
C ASP A 118 7.54 4.75 -25.20
N VAL A 119 7.50 4.63 -23.86
CA VAL A 119 6.79 5.58 -23.06
C VAL A 119 7.44 6.96 -23.11
N SER A 120 8.78 6.95 -23.21
CA SER A 120 9.56 8.22 -23.30
C SER A 120 9.10 9.02 -24.52
N ALA A 121 8.59 8.34 -25.56
CA ALA A 121 8.15 9.01 -26.77
C ALA A 121 6.71 9.47 -26.66
N ILE A 122 5.96 8.97 -25.67
CA ILE A 122 4.65 9.57 -25.40
C ILE A 122 4.87 10.93 -24.72
N HIS A 123 5.53 10.87 -23.57
CA HIS A 123 6.01 12.06 -22.92
C HIS A 123 7.19 11.71 -22.05
N PRO A 124 8.34 12.40 -22.18
CA PRO A 124 9.53 12.02 -21.45
C PRO A 124 9.39 12.08 -19.93
N ASP A 125 8.52 12.93 -19.41
CA ASP A 125 8.45 13.13 -17.98
C ASP A 125 7.71 11.97 -17.28
N MET A 126 7.14 11.02 -18.04
CA MET A 126 6.49 9.82 -17.45
C MET A 126 7.53 8.82 -16.91
N VAL A 127 8.78 8.91 -17.40
CA VAL A 127 9.80 7.88 -17.10
C VAL A 127 11.08 8.56 -16.64
N PRO A 128 11.85 7.89 -15.77
CA PRO A 128 13.13 8.40 -15.28
C PRO A 128 14.24 8.09 -16.29
N THR A 129 15.43 8.56 -15.97
CA THR A 129 16.59 8.22 -16.77
C THR A 129 16.89 6.74 -16.65
N LEU A 130 17.69 6.22 -17.57
CA LEU A 130 18.17 4.86 -17.50
C LEU A 130 18.98 4.62 -16.20
N GLU A 131 19.78 5.59 -15.78
CA GLU A 131 20.56 5.48 -14.52
C GLU A 131 19.57 5.33 -13.34
N ASN A 132 18.51 6.10 -13.41
CA ASN A 132 17.58 6.17 -12.24
C ASN A 132 16.60 5.00 -12.23
N GLU A 133 16.31 4.37 -13.36
CA GLU A 133 15.40 3.22 -13.37
C GLU A 133 16.05 2.05 -12.61
N LYS A 134 17.36 2.06 -12.45
CA LYS A 134 18.00 0.99 -11.73
C LYS A 134 17.74 1.06 -10.23
N ILE A 135 17.28 2.20 -9.74
CA ILE A 135 17.00 2.32 -8.25
C ILE A 135 15.98 1.26 -7.83
N ILE A 136 14.82 1.21 -8.49
CA ILE A 136 13.80 0.25 -8.10
C ILE A 136 14.33 -1.18 -8.21
N LEU A 137 15.06 -1.51 -9.29
CA LEU A 137 15.58 -2.84 -9.45
C LEU A 137 16.60 -3.17 -8.36
N ASP A 138 17.44 -2.20 -8.01
CA ASP A 138 18.47 -2.43 -6.97
C ASP A 138 17.82 -2.68 -5.61
N VAL A 139 16.80 -1.86 -5.31
CA VAL A 139 16.07 -2.00 -4.03
C VAL A 139 15.41 -3.38 -3.99
N ILE A 140 14.73 -3.80 -5.08
CA ILE A 140 14.09 -5.09 -5.10
C ILE A 140 15.13 -6.19 -4.87
N ASN A 141 16.28 -6.12 -5.53
CA ASN A 141 17.26 -7.19 -5.37
C ASN A 141 17.84 -7.24 -3.96
N ILE A 142 17.99 -6.09 -3.31
CA ILE A 142 18.40 -6.06 -1.88
C ILE A 142 17.38 -6.85 -1.04
N TYR A 143 16.09 -6.59 -1.23
CA TYR A 143 15.10 -7.34 -0.45
C TYR A 143 15.04 -8.84 -0.82
N ARG A 144 15.19 -9.19 -2.11
CA ARG A 144 15.20 -10.60 -2.51
C ARG A 144 16.37 -11.33 -1.84
N ALA A 145 17.52 -10.68 -1.81
CA ALA A 145 18.67 -11.34 -1.19
C ALA A 145 18.45 -11.54 0.30
N ALA A 146 17.71 -10.63 0.94
CA ALA A 146 17.42 -10.74 2.32
C ALA A 146 16.25 -11.67 2.70
N GLY A 147 15.58 -12.25 1.71
CA GLY A 147 14.44 -13.12 1.94
C GLY A 147 13.12 -12.40 2.18
N LYS A 148 13.07 -11.11 1.85
CA LYS A 148 11.82 -10.31 1.99
C LYS A 148 11.04 -10.41 0.69
N LYS A 149 9.75 -10.71 0.76
CA LYS A 149 8.90 -10.60 -0.41
C LYS A 149 8.64 -9.12 -0.74
N VAL A 150 8.25 -8.89 -2.00
CA VAL A 150 8.09 -7.53 -2.50
C VAL A 150 6.73 -7.39 -3.17
N ILE A 151 5.95 -6.38 -2.72
CA ILE A 151 4.69 -6.05 -3.32
C ILE A 151 4.84 -4.65 -3.93
N LEU A 152 4.37 -4.46 -5.17
CA LEU A 152 4.46 -3.14 -5.80
C LEU A 152 3.13 -2.37 -5.81
N TYR A 153 3.18 -1.16 -5.27
CA TYR A 153 2.10 -0.18 -5.38
C TYR A 153 1.98 0.26 -6.85
N LEU A 154 0.77 0.21 -7.40
CA LEU A 154 0.50 0.58 -8.79
C LEU A 154 -0.81 1.35 -8.78
N ASN A 155 -0.77 2.63 -9.14
CA ASN A 155 -2.03 3.41 -9.22
C ASN A 155 -2.70 3.02 -10.53
N SER A 156 -3.82 2.29 -10.43
CA SER A 156 -4.65 1.69 -11.50
C SER A 156 -5.07 2.66 -12.59
N ALA A 157 -5.18 3.94 -12.24
CA ALA A 157 -5.63 4.94 -13.21
C ALA A 157 -4.58 5.05 -14.34
N GLY A 158 -3.33 4.73 -14.03
CA GLY A 158 -2.30 4.89 -15.06
C GLY A 158 -2.20 6.34 -15.53
N PRO A 159 -1.82 6.55 -16.80
CA PRO A 159 -1.70 7.92 -17.35
C PRO A 159 -3.01 8.70 -17.42
N SER A 160 -4.13 8.03 -17.19
CA SER A 160 -5.45 8.69 -17.31
C SER A 160 -5.64 9.78 -16.28
N MET A 161 -4.82 9.77 -15.19
CA MET A 161 -5.01 10.70 -14.10
C MET A 161 -3.98 11.85 -14.13
N ALA A 162 -3.21 11.99 -15.22
CA ALA A 162 -2.14 12.97 -15.23
C ALA A 162 -2.67 14.38 -14.93
N GLU A 163 -3.75 14.77 -15.59
CA GLU A 163 -4.31 16.13 -15.40
C GLU A 163 -4.78 16.37 -13.96
N GLU A 164 -5.30 15.32 -13.30
CA GLU A 164 -5.70 15.39 -11.87
C GLU A 164 -4.53 15.84 -11.00
N ARG A 165 -3.26 15.50 -11.33
CA ARG A 165 -2.14 15.93 -10.54
C ARG A 165 -1.43 17.14 -11.16
N GLY A 166 -2.06 17.78 -12.13
CA GLY A 166 -1.51 19.04 -12.65
C GLY A 166 -0.61 18.86 -13.86
N ASP A 167 -0.46 17.62 -14.32
CA ASP A 167 0.49 17.33 -15.38
C ASP A 167 -0.26 17.29 -16.72
N THR A 168 -0.65 18.47 -17.20
CA THR A 168 -1.52 18.64 -18.36
C THR A 168 -0.86 18.22 -19.67
N ASP A 169 0.45 18.52 -19.78
CA ASP A 169 1.20 18.13 -20.98
C ASP A 169 1.26 16.61 -21.11
N ILE A 170 1.54 15.91 -19.99
CA ILE A 170 1.52 14.48 -20.04
C ILE A 170 0.12 13.94 -20.44
N GLN A 171 -0.95 14.52 -19.87
CA GLN A 171 -2.29 14.06 -20.14
C GLN A 171 -2.57 14.18 -21.64
N ALA A 172 -2.20 15.34 -22.20
CA ALA A 172 -2.47 15.58 -23.65
C ALA A 172 -1.72 14.59 -24.56
N ALA A 173 -0.47 14.30 -24.19
CA ALA A 173 0.31 13.37 -24.95
C ALA A 173 -0.27 11.95 -24.88
N TRP A 174 -0.67 11.55 -23.66
CA TRP A 174 -1.26 10.23 -23.51
C TRP A 174 -2.58 10.10 -24.30
N ASP A 175 -3.43 11.11 -24.18
CA ASP A 175 -4.76 11.10 -24.85
C ASP A 175 -4.51 11.00 -26.37
N GLU A 176 -3.57 11.80 -26.87
CA GLU A 176 -3.24 11.69 -28.31
C GLU A 176 -2.72 10.30 -28.68
N TYR A 177 -1.88 9.68 -27.81
CA TYR A 177 -1.36 8.41 -28.04
C TYR A 177 -2.46 7.33 -28.15
N TYR A 178 -3.37 7.21 -27.17
CA TYR A 178 -4.26 6.11 -27.23
C TYR A 178 -5.31 6.36 -28.35
N ILE A 179 -5.60 7.62 -28.64
CA ILE A 179 -6.56 7.95 -29.70
C ILE A 179 -5.98 7.51 -31.05
N ASN A 180 -4.74 7.86 -31.32
CA ASN A 180 -4.12 7.65 -32.62
C ASN A 180 -3.52 6.27 -32.78
N GLU A 181 -3.01 5.66 -31.70
CA GLU A 181 -2.29 4.42 -31.85
C GLU A 181 -3.18 3.22 -31.47
N TRP A 182 -4.19 3.41 -30.62
CA TRP A 182 -5.04 2.30 -30.14
C TRP A 182 -6.49 2.54 -30.54
N ASP A 183 -6.70 3.40 -31.55
CA ASP A 183 -8.03 3.69 -32.07
C ASP A 183 -9.02 4.02 -30.93
N GLY A 184 -8.56 4.81 -29.94
CA GLY A 184 -9.38 5.29 -28.82
C GLY A 184 -9.59 4.30 -27.68
N ASP A 185 -8.94 3.13 -27.72
CA ASP A 185 -9.06 2.05 -26.71
C ASP A 185 -8.01 2.27 -25.61
N GLU A 186 -8.36 3.17 -24.70
CA GLU A 186 -7.45 3.60 -23.61
C GLU A 186 -7.16 2.40 -22.72
N ALA A 187 -8.17 1.56 -22.52
CA ALA A 187 -7.98 0.39 -21.65
C ALA A 187 -6.93 -0.58 -22.19
N ALA A 188 -6.97 -0.89 -23.49
CA ALA A 188 -5.96 -1.71 -24.08
C ALA A 188 -4.60 -1.00 -24.09
N ALA A 189 -4.58 0.31 -24.36
CA ALA A 189 -3.33 1.08 -24.40
C ALA A 189 -2.61 0.97 -23.05
N TRP A 190 -3.39 1.13 -21.98
CA TRP A 190 -2.84 1.08 -20.62
C TRP A 190 -2.44 -0.35 -20.24
N ARG A 191 -3.27 -1.37 -20.53
CA ARG A 191 -2.83 -2.73 -20.21
C ARG A 191 -1.52 -3.08 -20.92
N ASN A 192 -1.38 -2.66 -22.19
CA ASN A 192 -0.18 -2.94 -22.94
C ASN A 192 1.04 -2.28 -22.31
N LEU A 193 0.90 -1.03 -21.91
CA LEU A 193 1.96 -0.26 -21.32
C LEU A 193 2.33 -0.91 -19.96
N ALA A 194 1.33 -1.13 -19.10
CA ALA A 194 1.64 -1.73 -17.80
C ALA A 194 2.28 -3.10 -17.93
N ARG A 195 1.77 -3.91 -18.87
CA ARG A 195 2.29 -5.26 -19.12
C ARG A 195 3.80 -5.20 -19.41
N GLY A 196 4.24 -4.17 -20.15
CA GLY A 196 5.66 -4.16 -20.48
C GLY A 196 6.53 -3.95 -19.28
N TYR A 197 6.03 -3.25 -18.25
CA TYR A 197 6.78 -3.17 -17.00
C TYR A 197 6.56 -4.41 -16.11
N VAL A 198 5.35 -4.96 -16.08
CA VAL A 198 5.07 -6.16 -15.32
C VAL A 198 6.00 -7.30 -15.73
N GLU A 199 6.24 -7.40 -17.05
CA GLU A 199 7.16 -8.39 -17.58
C GLU A 199 8.58 -8.19 -17.07
N ARG A 200 9.00 -6.92 -16.91
CA ARG A 200 10.35 -6.67 -16.39
C ARG A 200 10.48 -7.03 -14.91
N PHE A 201 9.39 -6.83 -14.17
CA PHE A 201 9.42 -7.17 -12.76
C PHE A 201 9.17 -8.65 -12.50
N ASP A 202 8.75 -9.40 -13.53
CA ASP A 202 8.37 -10.80 -13.40
C ASP A 202 9.52 -11.62 -12.78
N GLY A 203 9.15 -12.35 -11.73
CA GLY A 203 10.02 -13.23 -10.98
C GLY A 203 10.83 -12.47 -9.94
N LEU A 204 10.79 -11.14 -9.96
CA LEU A 204 11.47 -10.32 -8.99
C LEU A 204 10.55 -9.85 -7.87
N VAL A 205 9.26 -9.71 -8.16
CA VAL A 205 8.28 -9.27 -7.15
C VAL A 205 7.25 -10.37 -6.95
N ASP A 206 6.52 -10.25 -5.86
CA ASP A 206 5.59 -11.26 -5.40
C ASP A 206 4.13 -10.82 -5.49
N GLY A 207 3.86 -9.54 -5.72
CA GLY A 207 2.47 -9.08 -5.70
C GLY A 207 2.34 -7.63 -6.07
N TYR A 208 1.09 -7.17 -6.11
CA TYR A 208 0.74 -5.83 -6.51
C TYR A 208 -0.37 -5.31 -5.60
N TRP A 209 -0.32 -4.00 -5.36
CA TRP A 209 -1.33 -3.30 -4.59
C TRP A 209 -1.90 -2.23 -5.50
N LEU A 210 -3.13 -2.41 -5.99
CA LEU A 210 -3.64 -1.58 -7.04
C LEU A 210 -4.50 -0.46 -6.45
N ASP A 211 -4.06 0.78 -6.57
CA ASP A 211 -4.78 1.93 -5.99
C ASP A 211 -5.79 2.45 -7.02
N ASN A 212 -6.81 3.15 -6.52
CA ASN A 212 -7.61 4.05 -7.33
C ASN A 212 -8.34 3.28 -8.44
N SER A 213 -8.84 2.06 -8.17
CA SER A 213 -9.34 1.20 -9.16
C SER A 213 -10.70 1.69 -9.74
N ARG A 214 -11.41 2.58 -9.04
CA ARG A 214 -12.62 3.21 -9.58
C ARG A 214 -12.28 4.01 -10.84
N ASN A 215 -11.04 4.43 -11.02
CA ASN A 215 -10.59 5.27 -12.12
C ASN A 215 -9.69 4.52 -13.11
N LEU A 216 -9.63 3.21 -13.02
CA LEU A 216 -8.91 2.41 -14.02
C LEU A 216 -9.60 2.54 -15.36
N PRO A 217 -8.90 2.88 -16.46
CA PRO A 217 -9.50 2.76 -17.79
C PRO A 217 -9.74 1.28 -18.13
N GLY A 218 -11.00 0.92 -18.33
CA GLY A 218 -11.36 -0.41 -18.57
C GLY A 218 -11.75 -1.13 -17.31
N GLU A 219 -11.63 -2.46 -17.35
CA GLU A 219 -12.16 -3.28 -16.27
C GLU A 219 -11.03 -3.86 -15.40
N VAL A 220 -11.29 -3.85 -14.09
CA VAL A 220 -10.35 -4.46 -13.12
C VAL A 220 -10.09 -5.91 -13.50
N SER A 221 -11.13 -6.68 -13.86
CA SER A 221 -10.98 -8.07 -14.21
C SER A 221 -9.94 -8.24 -15.33
N ASP A 222 -9.99 -7.35 -16.32
CA ASP A 222 -9.11 -7.44 -17.43
C ASP A 222 -7.67 -7.07 -17.01
N PHE A 223 -7.53 -6.09 -16.12
CA PHE A 223 -6.20 -5.65 -15.68
C PHE A 223 -5.56 -6.74 -14.83
N VAL A 224 -6.34 -7.35 -13.90
CA VAL A 224 -5.83 -8.43 -13.06
C VAL A 224 -5.50 -9.66 -13.93
N ALA A 225 -6.32 -9.93 -14.96
CA ALA A 225 -6.02 -10.99 -15.86
C ALA A 225 -4.70 -10.77 -16.60
N MET A 226 -4.35 -9.53 -16.92
CA MET A 226 -3.09 -9.21 -17.54
C MET A 226 -1.95 -9.59 -16.55
N LEU A 227 -2.10 -9.17 -15.30
CA LEU A 227 -1.09 -9.45 -14.30
C LEU A 227 -0.89 -10.97 -14.20
N ARG A 228 -1.99 -11.71 -14.08
CA ARG A 228 -1.90 -13.13 -13.85
C ARG A 228 -1.42 -13.90 -15.10
N SER A 229 -1.62 -13.27 -16.26
CA SER A 229 -1.07 -13.82 -17.51
C SER A 229 0.45 -13.85 -17.46
N VAL A 230 1.04 -12.90 -16.74
CA VAL A 230 2.48 -12.90 -16.56
C VAL A 230 2.89 -13.87 -15.47
N ASP A 231 2.31 -13.73 -14.28
CA ASP A 231 2.59 -14.60 -13.18
C ASP A 231 1.31 -14.88 -12.42
N PRO A 232 0.65 -16.05 -12.52
CA PRO A 232 -0.66 -16.22 -11.84
C PRO A 232 -0.61 -16.38 -10.30
N GLU A 233 0.61 -16.56 -9.76
CA GLU A 233 0.79 -16.71 -8.33
C GLU A 233 0.99 -15.36 -7.64
N LEU A 234 0.97 -14.29 -8.41
CA LEU A 234 1.07 -12.96 -7.77
C LEU A 234 -0.01 -12.79 -6.70
N THR A 235 0.36 -12.10 -5.61
CA THR A 235 -0.56 -11.81 -4.50
C THR A 235 -1.06 -10.38 -4.69
N ILE A 236 -2.34 -10.17 -4.99
CA ILE A 236 -2.87 -8.93 -5.51
C ILE A 236 -3.92 -8.37 -4.59
N ALA A 237 -3.81 -7.08 -4.29
CA ALA A 237 -4.88 -6.30 -3.61
C ALA A 237 -5.42 -5.22 -4.53
N VAL A 238 -6.71 -4.94 -4.41
CA VAL A 238 -7.32 -3.86 -5.17
C VAL A 238 -8.03 -2.87 -4.20
N ASN A 239 -7.67 -1.58 -4.29
CA ASN A 239 -8.37 -0.49 -3.56
C ASN A 239 -9.50 0.07 -4.43
N TYR A 240 -10.71 -0.44 -4.28
CA TYR A 240 -11.97 0.14 -4.89
C TYR A 240 -12.60 1.28 -4.06
N ASP A 241 -13.23 0.98 -2.90
CA ASP A 241 -13.65 1.99 -1.94
C ASP A 241 -13.59 1.36 -0.56
N GLN A 242 -13.64 2.21 0.46
CA GLN A 242 -13.64 1.67 1.82
C GLN A 242 -15.04 1.24 2.21
N HIS A 243 -15.10 0.23 3.10
CA HIS A 243 -16.25 -0.23 3.81
C HIS A 243 -16.08 0.08 5.30
N TYR A 244 -17.22 0.23 5.97
CA TYR A 244 -17.24 0.72 7.36
C TYR A 244 -18.19 -0.08 8.23
N PHE A 245 -17.90 -0.12 9.55
CA PHE A 245 -18.75 -0.79 10.53
C PHE A 245 -20.08 -0.04 10.68
N THR A 246 -21.12 -0.86 10.67
CA THR A 246 -22.52 -0.35 10.91
C THR A 246 -23.11 -1.10 12.12
N ASP A 247 -24.12 -0.46 12.72
CA ASP A 247 -24.90 -1.09 13.81
C ASP A 247 -25.97 -1.98 13.19
N ASP A 248 -26.76 -2.61 14.06
CA ASP A 248 -27.80 -3.57 13.66
C ASP A 248 -28.90 -2.90 12.82
N ASN A 249 -29.07 -1.57 12.85
CA ASN A 249 -30.10 -0.89 12.01
C ASN A 249 -29.48 -0.15 10.83
N GLY A 250 -28.21 -0.44 10.45
CA GLY A 250 -27.56 0.06 9.26
C GLY A 250 -26.93 1.45 9.40
N GLU A 251 -26.90 2.03 10.60
CA GLU A 251 -26.22 3.33 10.78
C GLU A 251 -24.71 3.06 10.85
N TYR A 252 -23.91 3.98 10.33
CA TYR A 252 -22.46 3.81 10.54
C TYR A 252 -22.18 4.07 12.02
N LEU A 253 -21.17 3.33 12.55
CA LEU A 253 -20.52 3.78 13.78
C LEU A 253 -19.66 5.01 13.52
N TYR A 254 -19.61 5.95 14.46
CA TYR A 254 -18.81 7.11 14.34
C TYR A 254 -18.00 7.33 15.61
N VAL A 255 -16.73 7.57 15.45
CA VAL A 255 -15.95 8.07 16.56
C VAL A 255 -16.32 9.53 16.77
N ASP A 256 -16.71 9.88 18.00
CA ASP A 256 -16.97 11.27 18.42
C ASP A 256 -15.70 11.98 18.88
N SER A 257 -14.89 11.30 19.70
CA SER A 257 -13.69 11.87 20.24
C SER A 257 -12.60 10.77 20.34
N ASP A 258 -11.38 11.24 20.19
CA ASP A 258 -10.12 10.38 20.32
C ASP A 258 -9.53 10.47 21.74
N GLY A 259 -9.94 11.45 22.51
CA GLY A 259 -9.35 11.71 23.83
C GLY A 259 -9.93 12.99 24.42
N LEU A 260 -9.34 13.47 25.51
CA LEU A 260 -9.83 14.69 26.14
C LEU A 260 -9.32 15.89 25.32
N ASP A 261 -10.25 16.80 24.98
CA ASP A 261 -9.99 17.92 24.04
C ASP A 261 -9.12 17.43 22.87
N ASP A 262 -9.68 16.55 22.02
CA ASP A 262 -9.09 16.26 20.69
C ASP A 262 -9.03 17.63 19.95
N GLU A 263 -7.98 17.85 19.15
CA GLU A 263 -7.84 19.10 18.39
C GLU A 263 -8.84 19.09 17.23
N ASP A 264 -9.16 17.88 16.73
CA ASP A 264 -10.10 17.64 15.58
C ASP A 264 -11.34 16.87 16.06
N GLU A 265 -12.48 17.55 16.08
CA GLU A 265 -13.75 17.03 16.72
C GLU A 265 -14.65 16.33 15.67
N SER A 266 -14.22 16.36 14.40
CA SER A 266 -14.95 15.85 13.22
C SER A 266 -15.29 14.37 13.41
N ASP A 267 -16.57 13.97 13.31
CA ASP A 267 -16.95 12.62 13.55
C ASP A 267 -16.43 11.78 12.36
N TYR A 268 -15.93 10.56 12.64
CA TYR A 268 -15.40 9.71 11.55
C TYR A 268 -15.80 8.25 11.69
N LYS A 269 -15.88 7.57 10.53
CA LYS A 269 -16.27 6.21 10.43
C LYS A 269 -15.08 5.27 10.63
N ILE A 270 -15.40 4.02 10.90
CA ILE A 270 -14.42 3.00 11.29
C ILE A 270 -14.32 1.96 10.19
N VAL A 271 -13.14 1.91 9.54
CA VAL A 271 -12.97 1.03 8.41
C VAL A 271 -13.11 -0.44 8.79
N LYS A 272 -13.68 -1.26 7.88
CA LYS A 272 -13.81 -2.68 7.99
C LYS A 272 -13.22 -3.31 6.75
N HIS A 273 -12.33 -4.31 6.92
CA HIS A 273 -11.63 -4.90 5.78
C HIS A 273 -12.44 -6.10 5.31
N VAL A 274 -12.93 -6.01 4.08
CA VAL A 274 -13.89 -6.98 3.52
C VAL A 274 -13.34 -7.53 2.21
N VAL A 275 -13.75 -8.76 1.91
CA VAL A 275 -13.40 -9.43 0.68
C VAL A 275 -14.59 -9.28 -0.32
N THR A 276 -14.42 -8.34 -1.23
CA THR A 276 -15.51 -7.75 -2.01
C THR A 276 -15.44 -8.11 -3.49
N ASN A 277 -14.46 -8.90 -3.95
CA ASN A 277 -14.39 -9.25 -5.34
C ASN A 277 -13.62 -10.54 -5.49
N GLU A 278 -13.69 -11.14 -6.67
CA GLU A 278 -13.12 -12.43 -6.95
C GLU A 278 -11.63 -12.33 -7.39
N TYR A 279 -11.04 -11.13 -7.44
CA TYR A 279 -9.68 -10.90 -8.02
C TYR A 279 -8.64 -10.85 -6.89
N MET A 280 -9.06 -10.41 -5.71
CA MET A 280 -8.12 -10.04 -4.64
C MET A 280 -7.64 -11.29 -3.88
N ASP A 281 -6.38 -11.22 -3.46
CA ASP A 281 -5.74 -12.22 -2.62
C ASP A 281 -5.57 -11.74 -1.16
N PHE A 282 -5.60 -10.42 -0.95
CA PHE A 282 -5.54 -9.81 0.39
C PHE A 282 -6.31 -8.50 0.33
N THR A 283 -6.90 -8.12 1.47
CA THR A 283 -7.62 -6.88 1.55
C THR A 283 -6.66 -5.71 1.44
N ASN A 284 -7.05 -4.65 0.75
CA ASN A 284 -6.13 -3.56 0.46
C ASN A 284 -5.66 -2.93 1.78
N GLY A 285 -6.56 -2.81 2.75
CA GLY A 285 -6.12 -2.43 4.09
C GLY A 285 -6.14 -0.94 4.38
N HIS A 286 -6.59 -0.09 3.47
CA HIS A 286 -6.58 1.30 3.67
C HIS A 286 -7.40 1.67 4.91
N VAL A 287 -6.85 2.55 5.75
CA VAL A 287 -7.56 3.08 6.92
C VAL A 287 -8.71 4.01 6.48
N THR A 288 -9.52 4.42 7.46
CA THR A 288 -10.47 5.50 7.17
C THR A 288 -9.67 6.66 6.64
N PRO A 289 -10.10 7.32 5.54
CA PRO A 289 -9.32 8.41 4.94
C PRO A 289 -8.86 9.47 5.95
N LEU A 290 -7.57 9.84 5.89
CA LEU A 290 -6.95 10.81 6.78
C LEU A 290 -7.62 12.19 6.63
N GLY A 291 -8.02 12.51 5.41
CA GLY A 291 -8.71 13.77 5.13
C GLY A 291 -10.02 13.93 5.89
N ARG A 292 -10.62 12.83 6.36
CA ARG A 292 -11.86 12.86 7.16
C ARG A 292 -11.57 13.08 8.66
N GLY A 293 -10.29 13.26 9.04
CA GLY A 293 -9.86 13.51 10.41
C GLY A 293 -9.69 12.25 11.25
N ALA A 294 -9.63 11.09 10.58
CA ALA A 294 -9.48 9.79 11.30
C ALA A 294 -7.99 9.56 11.52
N PRO A 295 -7.51 9.52 12.76
CA PRO A 295 -6.09 9.29 12.98
C PRO A 295 -5.78 7.86 12.57
N PRO A 296 -4.58 7.59 12.03
CA PRO A 296 -4.29 6.22 11.58
C PRO A 296 -4.08 5.23 12.74
N ASN A 297 -3.93 5.74 13.98
CA ASN A 297 -3.82 4.95 15.19
C ASN A 297 -5.09 5.00 16.01
N SER A 298 -6.22 5.24 15.33
CA SER A 298 -7.52 5.34 16.02
C SER A 298 -7.73 4.20 16.98
N TRP A 299 -8.17 4.52 18.19
CA TRP A 299 -8.56 3.50 19.14
C TRP A 299 -9.62 2.55 18.61
N ALA A 300 -10.46 3.08 17.69
CA ALA A 300 -11.51 2.30 17.16
C ALA A 300 -11.02 1.17 16.27
N TYR A 301 -9.79 1.33 15.73
CA TYR A 301 -9.17 0.24 14.99
C TYR A 301 -8.79 -0.93 15.91
N GLU A 302 -8.54 -0.63 17.18
CA GLU A 302 -8.27 -1.66 18.15
C GLU A 302 -9.52 -2.34 18.69
N GLU A 303 -10.67 -1.62 18.68
CA GLU A 303 -11.93 -2.21 19.19
C GLU A 303 -12.78 -2.87 18.11
N TYR A 304 -12.58 -2.49 16.83
CA TYR A 304 -13.43 -2.96 15.74
C TYR A 304 -12.60 -3.58 14.60
N THR A 305 -11.79 -2.78 13.95
CA THR A 305 -11.11 -3.21 12.75
C THR A 305 -10.21 -4.42 12.94
N ILE A 306 -9.27 -4.36 13.91
CA ILE A 306 -8.35 -5.45 14.09
C ILE A 306 -9.07 -6.69 14.63
N PRO A 307 -9.93 -6.58 15.64
CA PRO A 307 -10.67 -7.77 16.06
C PRO A 307 -11.42 -8.46 14.93
N ASP A 308 -11.97 -7.67 14.00
CA ASP A 308 -12.69 -8.24 12.88
C ASP A 308 -11.75 -8.93 11.90
N MET A 309 -10.54 -8.39 11.72
CA MET A 309 -9.55 -9.02 10.89
C MET A 309 -9.18 -10.41 11.39
N ILE A 310 -9.00 -10.55 12.72
CA ILE A 310 -8.54 -11.79 13.28
C ILE A 310 -9.71 -12.75 13.66
N GLU A 311 -10.94 -12.26 13.72
CA GLU A 311 -12.18 -13.10 13.97
C GLU A 311 -12.26 -14.09 12.80
N VAL A 312 -12.06 -13.60 11.57
CA VAL A 312 -12.20 -14.40 10.33
C VAL A 312 -11.09 -13.95 9.41
N PRO A 313 -9.91 -14.56 9.52
CA PRO A 313 -8.74 -14.05 8.82
C PRO A 313 -8.68 -14.29 7.34
N TRP A 314 -9.53 -15.21 6.82
CA TRP A 314 -9.68 -15.48 5.40
C TRP A 314 -11.15 -15.40 5.06
N GLU A 315 -11.47 -14.81 3.91
CA GLU A 315 -12.82 -14.88 3.39
C GLU A 315 -12.76 -15.03 1.89
N THR A 316 -13.88 -15.51 1.32
CA THR A 316 -14.03 -15.75 -0.12
C THR A 316 -15.25 -14.99 -0.63
N TYR A 317 -15.11 -14.42 -1.83
CA TYR A 317 -16.24 -13.73 -2.48
C TYR A 317 -16.92 -14.71 -3.44
N ASP A 318 -16.15 -15.40 -4.26
CA ASP A 318 -16.70 -16.27 -5.35
C ASP A 318 -16.82 -17.75 -4.92
N GLY A 319 -16.32 -18.11 -3.73
CA GLY A 319 -16.34 -19.47 -3.24
C GLY A 319 -15.11 -20.27 -3.57
N SER A 320 -14.19 -19.79 -4.40
CA SER A 320 -12.95 -20.53 -4.79
C SER A 320 -11.69 -19.81 -4.34
N LYS A 321 -11.62 -18.51 -4.64
CA LYS A 321 -10.42 -17.72 -4.26
C LYS A 321 -10.67 -17.15 -2.88
N TYR A 322 -9.70 -17.36 -1.99
CA TYR A 322 -9.74 -16.83 -0.67
C TYR A 322 -8.72 -15.70 -0.55
N ALA A 323 -9.10 -14.72 0.24
CA ALA A 323 -8.28 -13.56 0.49
C ALA A 323 -8.07 -13.35 1.99
N LEU A 324 -6.83 -12.88 2.29
CA LEU A 324 -6.35 -12.65 3.65
C LEU A 324 -6.63 -11.25 4.13
N LYS A 325 -7.05 -11.20 5.39
CA LYS A 325 -7.29 -9.90 6.03
C LYS A 325 -5.94 -9.22 6.30
N HIS A 326 -5.87 -7.98 5.82
CA HIS A 326 -4.62 -7.16 5.80
C HIS A 326 -5.00 -5.71 6.02
N GLY A 327 -4.23 -5.04 6.90
CA GLY A 327 -4.36 -3.64 7.13
C GLY A 327 -3.07 -2.92 6.74
N TRP A 328 -3.21 -1.75 6.15
CA TRP A 328 -2.10 -0.85 5.76
C TRP A 328 -2.24 0.42 6.61
N PHE A 329 -1.39 0.54 7.66
CA PHE A 329 -1.54 1.66 8.60
C PHE A 329 -0.48 2.71 8.36
N PRO A 330 -0.86 3.96 8.06
CA PRO A 330 0.08 5.09 8.12
C PRO A 330 0.70 5.16 9.50
N ILE A 331 2.01 5.35 9.60
CA ILE A 331 2.66 5.57 10.87
C ILE A 331 2.69 7.07 11.22
N ARG A 332 2.65 7.89 10.19
CA ARG A 332 2.45 9.37 10.34
C ARG A 332 1.03 9.71 9.91
N ASN A 333 0.69 11.00 10.06
CA ASN A 333 -0.61 11.51 9.61
C ASN A 333 -0.57 11.87 8.12
N SER A 334 -0.12 10.90 7.32
CA SER A 334 0.13 11.00 5.89
C SER A 334 0.47 9.59 5.41
N TRP A 335 0.14 9.27 4.18
CA TRP A 335 0.57 7.96 3.62
C TRP A 335 2.05 8.02 3.33
N SER A 336 2.50 9.08 2.63
CA SER A 336 3.85 9.12 2.05
C SER A 336 4.69 10.32 2.53
N GLY A 337 4.09 11.27 3.24
CA GLY A 337 4.76 12.52 3.60
C GLY A 337 5.57 12.44 4.87
N SER A 338 6.90 12.49 4.77
CA SER A 338 7.83 12.26 5.85
C SER A 338 7.80 13.35 6.90
N LYS A 339 7.19 14.50 6.55
CA LYS A 339 7.19 15.64 7.48
C LYS A 339 5.95 15.69 8.34
N ALA A 340 4.98 14.81 8.08
CA ALA A 340 3.74 14.80 8.85
C ALA A 340 4.00 14.37 10.31
N GLU A 341 3.00 14.64 11.18
CA GLU A 341 3.08 14.27 12.60
C GLU A 341 3.28 12.74 12.71
N LEU A 342 4.20 12.29 13.54
CA LEU A 342 4.35 10.88 13.85
C LEU A 342 3.20 10.50 14.78
N MET A 343 2.44 9.47 14.42
CA MET A 343 1.21 9.13 15.13
C MET A 343 1.33 7.93 16.06
N PHE A 344 2.21 6.99 15.81
CA PHE A 344 2.40 5.85 16.66
C PHE A 344 3.69 6.01 17.46
N ASP A 345 3.70 5.29 18.58
CA ASP A 345 4.89 5.04 19.38
C ASP A 345 5.15 3.53 19.40
N VAL A 346 6.28 3.11 19.94
CA VAL A 346 6.58 1.72 20.02
C VAL A 346 5.47 0.92 20.68
N GLU A 347 4.95 1.34 21.83
CA GLU A 347 4.06 0.45 22.57
C GLU A 347 2.78 0.18 21.75
N GLN A 348 2.24 1.21 21.11
CA GLN A 348 1.00 1.02 20.35
C GLN A 348 1.31 0.26 19.06
N ALA A 349 2.41 0.60 18.41
CA ALA A 349 2.74 -0.02 17.15
C ALA A 349 3.05 -1.50 17.37
N TYR A 350 3.75 -1.85 18.45
CA TYR A 350 4.02 -3.25 18.80
C TYR A 350 2.69 -3.97 19.03
N ARG A 351 1.76 -3.33 19.76
CA ARG A 351 0.43 -3.97 19.99
C ARG A 351 -0.34 -4.17 18.67
N PHE A 352 -0.24 -3.22 17.76
CA PHE A 352 -0.90 -3.45 16.45
C PHE A 352 -0.27 -4.66 15.77
N VAL A 353 1.05 -4.72 15.69
CA VAL A 353 1.71 -5.86 15.01
C VAL A 353 1.35 -7.19 15.69
N ARG A 354 1.40 -7.22 17.02
CA ARG A 354 1.14 -8.48 17.73
C ARG A 354 -0.33 -8.88 17.57
N THR A 355 -1.24 -7.97 17.77
CA THR A 355 -2.63 -8.36 17.77
C THR A 355 -3.01 -8.92 16.40
N VAL A 356 -2.57 -8.26 15.32
CA VAL A 356 -2.85 -8.72 13.95
C VAL A 356 -2.19 -10.06 13.74
N THR A 357 -0.86 -10.14 13.93
CA THR A 357 -0.10 -11.33 13.51
C THR A 357 -0.41 -12.53 14.42
N ASP A 358 -0.59 -12.31 15.73
CA ASP A 358 -0.94 -13.40 16.63
C ASP A 358 -2.18 -14.12 16.11
N GLY A 359 -3.11 -13.33 15.58
CA GLY A 359 -4.37 -13.80 15.03
C GLY A 359 -4.28 -14.51 13.69
N GLY A 360 -3.12 -14.46 13.06
CA GLY A 360 -2.91 -15.11 11.77
C GLY A 360 -3.34 -14.21 10.62
N ALA A 361 -3.54 -12.92 10.78
CA ALA A 361 -3.75 -11.96 9.74
C ALA A 361 -2.43 -11.27 9.41
N ALA A 362 -2.45 -10.18 8.61
CA ALA A 362 -1.18 -9.48 8.23
C ALA A 362 -1.42 -7.99 8.33
N MET A 363 -0.33 -7.24 8.49
CA MET A 363 -0.44 -5.79 8.39
C MET A 363 0.89 -5.21 7.87
N THR A 364 0.76 -4.09 7.17
CA THR A 364 1.90 -3.34 6.66
C THR A 364 1.90 -1.97 7.27
N TRP A 365 3.06 -1.47 7.71
CA TRP A 365 3.21 -0.05 8.04
C TRP A 365 3.43 0.73 6.76
N SER A 366 2.68 1.81 6.59
CA SER A 366 3.01 2.79 5.55
C SER A 366 4.07 3.76 6.07
N THR A 367 5.25 3.21 6.33
CA THR A 367 6.43 4.05 6.62
C THR A 367 6.77 4.92 5.42
N THR A 368 7.48 6.02 5.71
CA THR A 368 7.83 7.04 4.76
C THR A 368 9.34 7.01 4.47
N GLN A 369 9.69 7.64 3.32
CA GLN A 369 11.10 7.75 2.87
C GLN A 369 11.52 9.22 2.83
N ASP A 370 12.74 9.45 3.32
CA ASP A 370 13.41 10.71 3.49
C ASP A 370 14.76 10.53 2.80
N ASN A 371 14.88 11.06 1.58
CA ASN A 371 16.10 10.92 0.75
C ASN A 371 16.47 9.45 0.54
N GLY A 372 15.42 8.61 0.41
CA GLY A 372 15.61 7.22 0.10
C GLY A 372 15.70 6.29 1.31
N TYR A 373 15.92 6.85 2.53
CA TYR A 373 15.99 6.09 3.76
C TYR A 373 14.61 6.16 4.47
N MET A 374 14.29 5.12 5.24
CA MET A 374 13.14 5.26 6.13
C MET A 374 13.35 6.45 7.04
N THR A 375 12.32 7.28 7.19
CA THR A 375 12.44 8.44 8.06
C THR A 375 12.92 7.97 9.45
N ALA A 376 13.88 8.68 10.05
CA ALA A 376 14.68 8.12 11.09
C ALA A 376 13.91 7.83 12.37
N ASP A 377 12.88 8.65 12.66
CA ASP A 377 12.04 8.44 13.86
C ASP A 377 11.21 7.16 13.70
N GLU A 378 10.84 6.85 12.45
CA GLU A 378 10.11 5.59 12.20
C GLU A 378 11.05 4.41 12.27
N MET A 379 12.24 4.55 11.71
CA MET A 379 13.27 3.52 11.79
C MET A 379 13.56 3.19 13.25
N SER A 380 13.63 4.21 14.14
CA SER A 380 13.88 3.93 15.53
C SER A 380 12.81 3.04 16.15
N ILE A 381 11.56 3.34 15.81
CA ILE A 381 10.43 2.50 16.28
C ILE A 381 10.54 1.08 15.71
N MET A 382 10.81 0.96 14.41
CA MET A 382 10.81 -0.35 13.79
C MET A 382 11.96 -1.21 14.31
N ILE A 383 13.09 -0.63 14.69
CA ILE A 383 14.16 -1.37 15.33
C ILE A 383 13.66 -2.04 16.60
N GLU A 384 12.94 -1.27 17.42
CA GLU A 384 12.50 -1.79 18.68
C GLU A 384 11.42 -2.86 18.47
N ILE A 385 10.47 -2.61 17.56
CA ILE A 385 9.42 -3.62 17.20
C ILE A 385 10.10 -4.91 16.74
N SER A 386 11.02 -4.77 15.80
CA SER A 386 11.67 -5.98 15.24
C SER A 386 12.41 -6.75 16.35
N ASN A 387 13.14 -6.04 17.21
CA ASN A 387 13.87 -6.69 18.29
C ASN A 387 12.91 -7.45 19.21
N ARG A 388 11.75 -6.87 19.57
CA ARG A 388 10.78 -7.57 20.37
C ARG A 388 10.24 -8.80 19.62
N MET A 389 9.92 -8.65 18.34
CA MET A 389 9.26 -9.72 17.57
C MET A 389 10.23 -10.90 17.34
N THR A 390 11.52 -10.70 17.44
CA THR A 390 12.46 -11.84 17.28
C THR A 390 12.85 -12.49 18.60
N GLN A 391 12.39 -11.98 19.75
CA GLN A 391 12.62 -12.65 21.00
C GLN A 391 11.69 -13.85 21.10
N THR A 392 12.13 -14.87 21.88
CA THR A 392 11.29 -15.96 22.29
C THR A 392 11.38 -16.12 23.79
N PRO A 393 10.26 -16.00 24.51
CA PRO A 393 8.95 -15.60 24.03
C PRO A 393 8.96 -14.13 23.59
N LYS A 394 8.02 -13.81 22.70
CA LYS A 394 7.81 -12.38 22.34
C LYS A 394 7.39 -11.71 23.65
N PRO A 395 7.91 -10.53 23.96
CA PRO A 395 7.50 -9.84 25.18
C PRO A 395 6.05 -9.40 25.12
N ASP A 396 5.39 -9.33 26.28
CA ASP A 396 4.05 -8.95 26.30
C ASP A 396 3.88 -7.51 25.80
N TYR A 397 2.78 -7.28 25.08
CA TYR A 397 2.46 -5.92 24.66
C TYR A 397 1.63 -5.24 25.74
N SER A 398 1.67 -3.91 25.77
CA SER A 398 0.84 -3.15 26.69
C SER A 398 -0.63 -3.40 26.37
N VAL A 399 -1.49 -3.67 27.36
CA VAL A 399 -2.87 -3.98 27.05
C VAL A 399 -3.60 -2.72 26.58
N TYR A 400 -4.43 -2.93 25.59
CA TYR A 400 -5.30 -1.88 25.07
C TYR A 400 -6.32 -1.49 26.14
N GLU A 401 -6.42 -0.18 26.33
CA GLU A 401 -7.48 0.46 27.14
C GLU A 401 -8.04 1.62 26.31
N ARG A 402 -9.35 1.76 26.31
CA ARG A 402 -9.98 2.97 25.68
C ARG A 402 -9.31 4.22 26.26
N PRO A 403 -8.79 5.15 25.44
CA PRO A 403 -8.27 6.42 25.94
C PRO A 403 -9.34 7.19 26.72
N LYS A 404 -8.89 7.84 27.79
CA LYS A 404 -9.77 8.76 28.56
C LYS A 404 -10.42 9.75 27.59
N GLY A 405 -11.76 9.82 27.70
CA GLY A 405 -12.58 10.75 27.00
C GLY A 405 -12.80 10.39 25.55
N ALA A 406 -12.43 9.17 25.16
CA ALA A 406 -12.72 8.64 23.79
C ALA A 406 -14.05 7.91 23.78
N TYR A 407 -14.92 8.25 22.79
CA TYR A 407 -16.25 7.68 22.75
C TYR A 407 -16.76 7.67 21.28
N LEU A 408 -17.67 6.75 21.05
CA LEU A 408 -18.52 6.73 19.83
C LEU A 408 -19.65 7.74 20.02
N VAL A 409 -20.13 8.29 18.91
CA VAL A 409 -21.32 9.13 18.94
C VAL A 409 -22.45 8.35 19.63
N SER A 410 -22.59 7.08 19.36
CA SER A 410 -23.68 6.26 19.90
C SER A 410 -23.55 6.04 21.42
N GLU A 411 -22.40 6.32 22.00
CA GLU A 411 -22.15 6.04 23.42
C GLU A 411 -22.51 7.26 24.28
N ILE A 412 -22.70 8.44 23.69
CA ILE A 412 -22.93 9.68 24.45
C ILE A 412 -24.30 9.63 25.16
C1 MLI B . -1.75 6.47 -1.18
C2 MLI B . -2.87 5.64 -0.56
C3 MLI B . -0.37 5.81 -1.36
O6 MLI B . -2.65 4.47 -0.10
O7 MLI B . -3.99 6.24 -0.47
O8 MLI B . 0.36 6.47 -2.24
O9 MLI B . -0.11 4.71 -0.76
CA CA C . -15.57 9.29 7.84
#